data_4LIW
#
_entry.id   4LIW
#
_cell.length_a   70.020
_cell.length_b   70.020
_cell.length_c   56.250
_cell.angle_alpha   90.00
_cell.angle_beta   90.00
_cell.angle_gamma   120.00
#
_symmetry.space_group_name_H-M   'P 63'
#
loop_
_entity.id
_entity.type
_entity.pdbx_description
1 polymer 'Carbon dioxide-concentrating mechanism protein CcmK homolog 1'
2 non-polymer 'SULFATE ION'
3 water water
#
_entity_poly.entity_id   1
_entity_poly.type   'polypeptide(L)'
_entity_poly.pdbx_seq_one_letter_code
;MSIAVGMIETKGFPAVVEAADSMVKAARVTLVGYEKIGSGRVTVIVRGDVSEVQASVTAGIENIRRVNGGEVLSNHIIAR
PHENLEYVLPILEHHHHHH
;
_entity_poly.pdbx_strand_id   A,B
#
loop_
_chem_comp.id
_chem_comp.type
_chem_comp.name
_chem_comp.formula
SO4 non-polymer 'SULFATE ION' 'O4 S -2'
#
# COMPACT_ATOMS: atom_id res chain seq x y z
N ILE A 3 -21.16 -1.96 -12.41
CA ILE A 3 -20.76 -0.66 -11.86
C ILE A 3 -20.47 -0.73 -10.37
N ALA A 4 -20.21 -1.95 -9.88
CA ALA A 4 -20.01 -2.19 -8.46
C ALA A 4 -18.74 -1.48 -8.02
N VAL A 5 -18.68 -1.17 -6.74
CA VAL A 5 -17.50 -0.57 -6.13
C VAL A 5 -17.10 -1.39 -4.90
N GLY A 6 -15.80 -1.64 -4.78
CA GLY A 6 -15.25 -2.29 -3.61
C GLY A 6 -14.16 -1.42 -3.01
N MET A 7 -14.09 -1.40 -1.70
CA MET A 7 -13.14 -0.56 -0.99
C MET A 7 -12.53 -1.38 0.15
N ILE A 8 -11.25 -1.20 0.37
CA ILE A 8 -10.59 -1.72 1.57
C ILE A 8 -9.84 -0.57 2.24
N GLU A 9 -10.15 -0.33 3.51
CA GLU A 9 -9.50 0.72 4.26
C GLU A 9 -8.54 0.13 5.28
N THR A 10 -7.28 0.56 5.20
CA THR A 10 -6.24 0.06 6.08
C THR A 10 -5.68 1.17 6.94
N LYS A 11 -5.00 0.77 8.01
CA LYS A 11 -4.19 1.67 8.80
C LYS A 11 -2.77 1.33 8.48
N GLY A 12 -2.12 2.13 7.66
CA GLY A 12 -0.79 1.81 7.17
C GLY A 12 -0.77 1.83 5.66
N PHE A 13 0.30 2.36 5.09
CA PHE A 13 0.39 2.46 3.64
C PHE A 13 0.79 1.14 2.93
N PRO A 14 1.85 0.47 3.40
CA PRO A 14 2.22 -0.81 2.77
C PRO A 14 1.05 -1.80 2.64
N ALA A 15 0.15 -1.78 3.61
CA ALA A 15 -1.01 -2.65 3.58
C ALA A 15 -1.93 -2.26 2.46
N VAL A 16 -2.03 -0.98 2.20
CA VAL A 16 -2.97 -0.55 1.20
C VAL A 16 -2.43 -0.96 -0.18
N VAL A 17 -1.12 -1.00 -0.31
CA VAL A 17 -0.50 -1.41 -1.55
C VAL A 17 -0.72 -2.91 -1.79
N GLU A 18 -0.66 -3.71 -0.74
CA GLU A 18 -0.93 -5.13 -0.88
C GLU A 18 -2.39 -5.35 -1.23
N ALA A 19 -3.26 -4.63 -0.56
CA ALA A 19 -4.68 -4.66 -0.84
C ALA A 19 -4.90 -4.41 -2.31
N ALA A 20 -4.33 -3.34 -2.81
CA ALA A 20 -4.51 -2.99 -4.20
C ALA A 20 -3.97 -4.09 -5.11
N ASP A 21 -2.75 -4.55 -4.84
CA ASP A 21 -2.12 -5.57 -5.66
C ASP A 21 -2.98 -6.82 -5.73
N SER A 22 -3.42 -7.24 -4.55
CA SER A 22 -4.23 -8.44 -4.43
C SER A 22 -5.56 -8.29 -5.16
N MET A 23 -6.14 -7.11 -5.10
CA MET A 23 -7.46 -6.90 -5.67
C MET A 23 -7.43 -7.06 -7.18
N VAL A 24 -6.48 -6.40 -7.83
CA VAL A 24 -6.47 -6.39 -9.28
C VAL A 24 -5.95 -7.70 -9.83
N LYS A 25 -5.28 -8.48 -8.97
CA LYS A 25 -4.79 -9.79 -9.38
C LYS A 25 -5.81 -10.87 -9.26
N ALA A 26 -6.74 -10.72 -8.34
CA ALA A 26 -7.63 -11.81 -8.03
C ALA A 26 -8.73 -11.92 -9.05
N ALA A 27 -9.13 -10.77 -9.59
CA ALA A 27 -10.29 -10.72 -10.45
C ALA A 27 -10.20 -9.60 -11.45
N ARG A 28 -11.21 -9.54 -12.29
CA ARG A 28 -11.24 -8.60 -13.38
C ARG A 28 -11.94 -7.33 -12.88
N VAL A 29 -11.12 -6.43 -12.39
CA VAL A 29 -11.58 -5.22 -11.76
C VAL A 29 -10.53 -4.20 -12.04
N THR A 30 -10.90 -2.94 -12.00
CA THR A 30 -9.92 -1.90 -12.11
C THR A 30 -9.80 -1.10 -10.84
N LEU A 31 -8.56 -0.90 -10.48
CA LEU A 31 -8.18 -0.08 -9.37
C LEU A 31 -8.35 1.34 -9.82
N VAL A 32 -9.21 2.09 -9.14
CA VAL A 32 -9.49 3.44 -9.57
C VAL A 32 -8.97 4.47 -8.60
N GLY A 33 -8.67 4.07 -7.38
CA GLY A 33 -8.10 5.03 -6.47
C GLY A 33 -7.62 4.63 -5.10
N TYR A 34 -7.19 5.66 -4.39
N TYR A 34 -6.94 5.57 -4.45
CA TYR A 34 -6.57 5.53 -3.10
CA TYR A 34 -6.72 5.47 -3.02
C TYR A 34 -6.85 6.86 -2.34
C TYR A 34 -6.88 6.82 -2.34
N GLU A 35 -7.54 6.77 -1.20
CA GLU A 35 -8.04 7.96 -0.51
C GLU A 35 -7.58 8.05 0.92
N LYS A 36 -6.96 9.16 1.26
CA LYS A 36 -6.54 9.45 2.61
C LYS A 36 -7.53 10.37 3.29
N ILE A 37 -7.80 10.08 4.56
CA ILE A 37 -8.72 10.88 5.32
C ILE A 37 -8.08 11.24 6.65
N GLY A 38 -6.78 10.98 6.76
CA GLY A 38 -6.06 11.28 7.98
C GLY A 38 -6.06 10.14 8.96
N SER A 39 -5.17 10.23 9.94
CA SER A 39 -5.14 9.28 11.04
C SER A 39 -4.69 7.91 10.59
N GLY A 40 -3.85 7.90 9.56
CA GLY A 40 -3.32 6.66 9.02
C GLY A 40 -4.26 5.91 8.11
N ARG A 41 -5.49 6.40 8.01
CA ARG A 41 -6.57 5.67 7.35
C ARG A 41 -6.55 5.94 5.87
N VAL A 42 -6.31 4.89 5.10
N VAL A 42 -6.34 4.88 5.09
CA VAL A 42 -6.23 4.97 3.66
CA VAL A 42 -6.26 4.99 3.65
C VAL A 42 -7.09 3.87 3.05
C VAL A 42 -7.09 3.88 3.05
N THR A 43 -7.87 4.23 2.03
CA THR A 43 -8.78 3.30 1.38
C THR A 43 -8.38 3.10 -0.05
N VAL A 44 -8.40 1.84 -0.47
CA VAL A 44 -8.12 1.50 -1.85
C VAL A 44 -9.44 1.06 -2.49
N ILE A 45 -9.69 1.50 -3.71
CA ILE A 45 -11.01 1.45 -4.30
C ILE A 45 -10.95 0.80 -5.67
N VAL A 46 -11.87 -0.10 -5.95
CA VAL A 46 -11.96 -0.72 -7.26
C VAL A 46 -13.38 -0.70 -7.79
N ARG A 47 -13.51 -0.79 -9.11
CA ARG A 47 -14.79 -0.96 -9.76
C ARG A 47 -14.75 -2.23 -10.61
N GLY A 48 -15.89 -2.91 -10.75
CA GLY A 48 -15.99 -4.01 -11.68
C GLY A 48 -17.33 -4.68 -11.60
N ASP A 49 -17.46 -5.87 -12.16
CA ASP A 49 -18.68 -6.63 -11.98
C ASP A 49 -18.72 -6.99 -10.55
N VAL A 50 -19.90 -7.10 -9.99
CA VAL A 50 -20.03 -7.35 -8.58
C VAL A 50 -19.24 -8.60 -8.22
N SER A 51 -19.33 -9.62 -9.06
CA SER A 51 -18.72 -10.92 -8.76
C SER A 51 -17.21 -10.82 -8.68
N GLU A 52 -16.66 -9.94 -9.49
CA GLU A 52 -15.23 -9.77 -9.58
C GLU A 52 -14.76 -8.86 -8.47
N VAL A 53 -15.59 -7.89 -8.12
CA VAL A 53 -15.29 -6.98 -7.04
C VAL A 53 -15.33 -7.72 -5.75
N GLN A 54 -16.29 -8.62 -5.63
CA GLN A 54 -16.42 -9.42 -4.42
C GLN A 54 -15.22 -10.34 -4.28
N ALA A 55 -14.71 -10.84 -5.40
CA ALA A 55 -13.56 -11.73 -5.37
C ALA A 55 -12.29 -10.95 -5.05
N SER A 56 -12.20 -9.72 -5.56
CA SER A 56 -11.07 -8.86 -5.29
C SER A 56 -10.96 -8.47 -3.82
N VAL A 57 -12.08 -8.11 -3.23
CA VAL A 57 -12.09 -7.65 -1.85
C VAL A 57 -11.76 -8.78 -0.90
N THR A 58 -12.32 -9.96 -1.14
CA THR A 58 -12.04 -11.10 -0.30
C THR A 58 -10.56 -11.42 -0.32
N ALA A 59 -9.96 -11.32 -1.50
CA ALA A 59 -8.56 -11.66 -1.65
C ALA A 59 -7.70 -10.65 -0.90
N GLY A 60 -7.95 -9.37 -1.14
CA GLY A 60 -7.22 -8.32 -0.47
C GLY A 60 -7.24 -8.42 1.05
N ILE A 61 -8.42 -8.69 1.62
CA ILE A 61 -8.55 -8.81 3.07
C ILE A 61 -7.70 -9.95 3.64
N GLU A 62 -7.75 -11.08 2.96
CA GLU A 62 -7.05 -12.27 3.43
C GLU A 62 -5.55 -12.15 3.18
N ASN A 63 -5.14 -11.40 2.17
CA ASN A 63 -3.70 -11.25 1.94
C ASN A 63 -3.03 -10.18 2.80
N ILE A 64 -3.83 -9.30 3.39
CA ILE A 64 -3.26 -8.29 4.25
C ILE A 64 -2.80 -8.91 5.55
N ARG A 65 -3.34 -10.06 5.92
CA ARG A 65 -2.87 -10.63 7.17
C ARG A 65 -1.42 -11.09 7.02
N ARG A 66 -0.96 -11.19 5.77
CA ARG A 66 0.45 -11.50 5.52
C ARG A 66 1.35 -10.33 5.88
N VAL A 67 0.80 -9.13 5.85
CA VAL A 67 1.59 -7.91 5.93
C VAL A 67 2.05 -7.73 7.37
N ASN A 68 3.34 -7.52 7.58
CA ASN A 68 3.86 -7.26 8.90
C ASN A 68 3.36 -5.90 9.30
N GLY A 69 2.57 -5.83 10.37
CA GLY A 69 2.06 -4.58 10.85
C GLY A 69 0.82 -4.10 10.11
N GLY A 70 0.25 -4.99 9.31
CA GLY A 70 -0.92 -4.64 8.53
C GLY A 70 -2.18 -4.68 9.37
N GLU A 71 -3.12 -3.77 9.07
CA GLU A 71 -4.39 -3.73 9.79
C GLU A 71 -5.50 -3.24 8.87
N VAL A 72 -6.60 -3.99 8.79
CA VAL A 72 -7.77 -3.59 8.01
C VAL A 72 -8.84 -2.99 8.89
N LEU A 73 -9.20 -1.75 8.57
CA LEU A 73 -10.10 -0.99 9.42
C LEU A 73 -11.56 -1.18 9.00
N SER A 74 -11.80 -1.16 7.71
CA SER A 74 -13.14 -1.40 7.19
C SER A 74 -13.03 -1.89 5.76
N ASN A 75 -14.10 -2.47 5.26
CA ASN A 75 -14.18 -2.85 3.87
C ASN A 75 -15.64 -2.83 3.46
N HIS A 76 -15.92 -2.62 2.18
CA HIS A 76 -17.30 -2.54 1.74
C HIS A 76 -17.43 -2.67 0.23
N ILE A 77 -18.59 -3.17 -0.19
CA ILE A 77 -18.92 -3.28 -1.57
C ILE A 77 -20.31 -2.71 -1.78
N ILE A 78 -20.46 -1.94 -2.84
CA ILE A 78 -21.79 -1.55 -3.29
C ILE A 78 -21.95 -2.02 -4.71
N ALA A 79 -22.90 -2.92 -4.91
CA ALA A 79 -23.10 -3.56 -6.19
C ALA A 79 -23.54 -2.58 -7.27
N ARG A 80 -24.46 -1.70 -6.91
CA ARG A 80 -25.06 -0.79 -7.89
C ARG A 80 -25.14 0.62 -7.33
N PRO A 81 -23.98 1.28 -7.22
CA PRO A 81 -23.93 2.62 -6.66
C PRO A 81 -24.65 3.66 -7.51
N HIS A 82 -25.29 4.60 -6.85
CA HIS A 82 -26.05 5.64 -7.49
C HIS A 82 -25.12 6.58 -8.24
N GLU A 83 -25.50 6.99 -9.44
CA GLU A 83 -24.71 7.94 -10.23
C GLU A 83 -24.25 9.22 -9.53
N ASN A 84 -25.03 9.67 -8.54
CA ASN A 84 -24.78 10.92 -7.85
C ASN A 84 -23.43 10.83 -7.17
N LEU A 85 -23.03 9.61 -6.81
CA LEU A 85 -21.83 9.39 -6.01
C LEU A 85 -20.54 9.61 -6.79
N GLU A 86 -20.63 9.51 -8.09
CA GLU A 86 -19.45 9.51 -8.91
C GLU A 86 -18.78 10.89 -8.96
N TYR A 87 -19.57 11.95 -8.80
CA TYR A 87 -19.06 13.30 -8.91
C TYR A 87 -19.02 14.06 -7.60
N VAL A 88 -19.28 13.37 -6.50
CA VAL A 88 -19.04 13.98 -5.19
C VAL A 88 -17.96 13.22 -4.46
N LEU A 89 -17.96 11.91 -4.60
CA LEU A 89 -17.02 11.05 -3.89
C LEU A 89 -16.00 10.53 -4.86
N PRO A 90 -14.74 10.44 -4.40
CA PRO A 90 -13.64 10.01 -5.26
C PRO A 90 -13.67 8.52 -5.60
N ILE A 91 -14.74 8.05 -6.26
CA ILE A 91 -14.92 6.62 -6.53
C ILE A 91 -14.96 6.30 -8.02
N LEU A 92 -14.64 7.30 -8.83
CA LEU A 92 -14.19 7.09 -10.20
C LEU A 92 -12.69 7.34 -10.22
N GLU A 93 -12.00 6.89 -11.28
CA GLU A 93 -10.55 7.03 -11.40
C GLU A 93 -10.01 8.40 -10.99
N HIS A 94 -9.00 8.38 -10.11
CA HIS A 94 -8.28 9.58 -9.67
C HIS A 94 -7.26 9.96 -10.75
N ILE B 3 11.67 -5.32 -10.40
CA ILE B 3 10.28 -4.86 -10.43
C ILE B 3 9.56 -5.06 -9.09
N ALA B 4 10.21 -5.73 -8.13
CA ALA B 4 9.68 -5.88 -6.78
C ALA B 4 9.51 -4.51 -6.15
N VAL B 5 8.65 -4.43 -5.14
N VAL B 5 8.62 -4.43 -5.15
CA VAL B 5 8.48 -3.21 -4.36
CA VAL B 5 8.43 -3.22 -4.35
C VAL B 5 8.66 -3.54 -2.88
C VAL B 5 8.70 -3.57 -2.90
N GLY B 6 9.44 -2.72 -2.19
CA GLY B 6 9.68 -2.89 -0.78
C GLY B 6 9.34 -1.58 -0.09
N MET B 7 8.70 -1.67 1.06
CA MET B 7 8.22 -0.50 1.78
C MET B 7 8.49 -0.64 3.25
N ILE B 8 8.93 0.44 3.89
CA ILE B 8 9.05 0.48 5.34
C ILE B 8 8.34 1.72 5.86
N GLU B 9 7.41 1.49 6.77
CA GLU B 9 6.62 2.55 7.38
C GLU B 9 7.00 2.79 8.83
N THR B 10 7.38 4.02 9.16
CA THR B 10 7.78 4.33 10.52
C THR B 10 6.88 5.38 11.12
N LYS B 11 6.85 5.44 12.45
CA LYS B 11 6.31 6.58 13.14
C LYS B 11 7.46 7.51 13.45
N GLY B 12 7.55 8.61 12.70
CA GLY B 12 8.69 9.49 12.79
C GLY B 12 9.41 9.64 11.48
N PHE B 13 9.90 10.85 11.24
CA PHE B 13 10.57 11.15 9.99
C PHE B 13 12.03 10.71 9.99
N PRO B 14 12.82 11.12 11.00
CA PRO B 14 14.22 10.67 11.01
C PRO B 14 14.39 9.18 10.76
N ALA B 15 13.50 8.37 11.32
CA ALA B 15 13.60 6.94 11.18
C ALA B 15 13.36 6.55 9.76
N VAL B 16 12.54 7.31 9.06
CA VAL B 16 12.20 6.95 7.70
C VAL B 16 13.38 7.26 6.77
N VAL B 17 14.15 8.28 7.14
CA VAL B 17 15.34 8.66 6.40
C VAL B 17 16.40 7.58 6.56
N GLU B 18 16.58 7.09 7.78
CA GLU B 18 17.56 6.05 8.02
C GLU B 18 17.13 4.75 7.34
N ALA B 19 15.83 4.53 7.25
CA ALA B 19 15.31 3.38 6.55
C ALA B 19 15.73 3.47 5.12
N ALA B 20 15.51 4.64 4.54
CA ALA B 20 15.81 4.88 3.13
C ALA B 20 17.29 4.71 2.87
N ASP B 21 18.12 5.39 3.66
CA ASP B 21 19.57 5.34 3.51
C ASP B 21 20.09 3.91 3.52
N SER B 22 19.70 3.17 4.55
CA SER B 22 20.15 1.81 4.74
C SER B 22 19.72 0.92 3.60
N MET B 23 18.54 1.21 3.07
CA MET B 23 17.94 0.41 2.04
C MET B 23 18.74 0.48 0.77
N VAL B 24 19.10 1.69 0.39
CA VAL B 24 19.75 1.88 -0.89
C VAL B 24 21.20 1.47 -0.78
N LYS B 25 21.70 1.39 0.45
CA LYS B 25 23.09 1.04 0.68
C LYS B 25 23.31 -0.44 0.72
N ALA B 26 22.32 -1.17 1.20
CA ALA B 26 22.47 -2.58 1.41
C ALA B 26 22.50 -3.34 0.10
N ALA B 27 21.71 -2.87 -0.87
CA ALA B 27 21.35 -3.71 -1.99
C ALA B 27 21.23 -2.93 -3.27
N ARG B 28 21.02 -3.66 -4.35
CA ARG B 28 20.80 -3.06 -5.62
C ARG B 28 19.30 -2.78 -5.75
N VAL B 29 18.91 -1.66 -5.17
CA VAL B 29 17.53 -1.22 -5.16
C VAL B 29 17.60 0.27 -5.35
N THR B 30 16.57 0.87 -5.91
CA THR B 30 16.51 2.31 -5.93
C THR B 30 15.29 2.79 -5.15
N LEU B 31 15.43 3.95 -4.55
CA LEU B 31 14.40 4.56 -3.73
C LEU B 31 13.53 5.40 -4.62
N VAL B 32 12.22 5.20 -4.52
CA VAL B 32 11.28 5.84 -5.43
C VAL B 32 10.23 6.67 -4.73
N GLY B 33 9.95 6.35 -3.47
CA GLY B 33 8.84 6.98 -2.78
C GLY B 33 9.03 7.31 -1.32
N TYR B 34 8.32 8.36 -0.92
CA TYR B 34 8.18 8.76 0.46
C TYR B 34 6.74 9.23 0.63
N GLU B 35 5.94 8.48 1.38
CA GLU B 35 4.51 8.73 1.45
C GLU B 35 4.07 9.02 2.89
N LYS B 36 3.36 10.13 3.07
CA LYS B 36 2.79 10.48 4.35
C LYS B 36 1.29 10.24 4.32
N ILE B 37 0.78 9.65 5.39
CA ILE B 37 -0.66 9.41 5.49
C ILE B 37 -1.22 9.99 6.79
N GLY B 38 -0.44 10.81 7.48
CA GLY B 38 -0.87 11.44 8.71
C GLY B 38 -0.57 10.56 9.90
N SER B 39 -0.88 11.04 11.10
CA SER B 39 -0.73 10.23 12.30
C SER B 39 0.74 9.94 12.58
N GLY B 40 1.62 10.68 11.90
CA GLY B 40 3.05 10.46 12.02
C GLY B 40 3.58 9.34 11.14
N ARG B 41 2.70 8.74 10.35
CA ARG B 41 3.03 7.54 9.60
C ARG B 41 3.62 7.92 8.24
N VAL B 42 4.87 7.54 8.00
CA VAL B 42 5.54 7.86 6.75
C VAL B 42 6.14 6.56 6.21
N THR B 43 6.05 6.34 4.90
CA THR B 43 6.56 5.14 4.28
C THR B 43 7.58 5.49 3.22
N VAL B 44 8.68 4.76 3.21
CA VAL B 44 9.62 4.84 2.10
C VAL B 44 9.56 3.58 1.27
N ILE B 45 9.75 3.74 -0.03
CA ILE B 45 9.43 2.73 -1.01
C ILE B 45 10.59 2.55 -1.99
N VAL B 46 11.03 1.32 -2.18
CA VAL B 46 12.10 1.05 -3.14
C VAL B 46 11.64 0.03 -4.17
N ARG B 47 12.33 0.03 -5.31
CA ARG B 47 12.14 -1.01 -6.32
C ARG B 47 13.48 -1.72 -6.56
N GLY B 48 13.42 -2.96 -7.03
CA GLY B 48 14.61 -3.70 -7.41
C GLY B 48 14.31 -5.16 -7.53
N ASP B 49 15.32 -5.99 -7.72
CA ASP B 49 15.08 -7.42 -7.77
C ASP B 49 14.59 -7.83 -6.42
N VAL B 50 13.74 -8.83 -6.41
CA VAL B 50 13.13 -9.23 -5.17
C VAL B 50 14.19 -9.60 -4.16
N SER B 51 15.25 -10.24 -4.61
CA SER B 51 16.29 -10.72 -3.68
C SER B 51 17.03 -9.54 -3.07
N GLU B 52 17.14 -8.48 -3.85
CA GLU B 52 17.82 -7.28 -3.42
C GLU B 52 16.92 -6.40 -2.57
N VAL B 53 15.71 -6.19 -3.07
CA VAL B 53 14.70 -5.47 -2.32
C VAL B 53 14.56 -6.16 -1.00
N GLN B 54 14.59 -7.48 -1.05
CA GLN B 54 14.49 -8.26 0.18
C GLN B 54 15.67 -7.95 1.08
N ALA B 55 16.85 -7.79 0.50
CA ALA B 55 18.02 -7.49 1.29
C ALA B 55 17.90 -6.11 1.86
N SER B 56 17.41 -5.19 1.04
CA SER B 56 17.36 -3.80 1.39
C SER B 56 16.41 -3.56 2.57
N VAL B 57 15.28 -4.23 2.57
CA VAL B 57 14.26 -4.07 3.62
C VAL B 57 14.73 -4.62 4.95
N THR B 58 15.43 -5.74 4.91
CA THR B 58 16.00 -6.32 6.10
C THR B 58 16.97 -5.35 6.74
N ALA B 59 17.79 -4.71 5.92
CA ALA B 59 18.76 -3.74 6.39
C ALA B 59 18.06 -2.58 7.04
N GLY B 60 17.11 -1.98 6.33
CA GLY B 60 16.38 -0.85 6.89
C GLY B 60 15.75 -1.12 8.24
N ILE B 61 15.11 -2.27 8.40
CA ILE B 61 14.48 -2.66 9.68
C ILE B 61 15.49 -2.82 10.81
N GLU B 62 16.65 -3.37 10.47
CA GLU B 62 17.70 -3.58 11.43
C GLU B 62 18.26 -2.24 11.86
N ASN B 63 18.47 -1.34 10.92
CA ASN B 63 19.17 -0.11 11.25
C ASN B 63 18.32 0.96 11.91
N ILE B 64 17.01 0.78 11.94
CA ILE B 64 16.14 1.75 12.57
C ILE B 64 16.27 1.69 14.08
N ARG B 65 16.70 0.57 14.60
CA ARG B 65 16.90 0.51 16.05
C ARG B 65 18.10 1.34 16.47
N ARG B 66 18.93 1.73 15.51
CA ARG B 66 19.99 2.69 15.77
C ARG B 66 19.45 4.11 16.00
N VAL B 67 18.16 4.30 15.70
CA VAL B 67 17.57 5.62 15.72
C VAL B 67 16.96 5.90 17.08
N ASN B 68 17.42 6.97 17.72
CA ASN B 68 16.86 7.39 18.99
C ASN B 68 15.45 7.84 18.68
N GLY B 69 14.48 7.12 19.20
CA GLY B 69 13.08 7.44 18.95
C GLY B 69 12.50 6.68 17.78
N GLY B 70 13.27 5.73 17.27
CA GLY B 70 12.88 4.99 16.09
C GLY B 70 11.73 4.04 16.36
N GLU B 71 10.77 4.01 15.45
CA GLU B 71 9.68 3.05 15.56
C GLU B 71 9.19 2.59 14.19
N VAL B 72 9.27 1.29 13.94
CA VAL B 72 8.78 0.70 12.72
C VAL B 72 7.35 0.30 12.94
N LEU B 73 6.47 0.70 12.03
CA LEU B 73 5.05 0.37 12.13
C LEU B 73 4.69 -0.84 11.26
N SER B 74 5.16 -0.84 10.03
CA SER B 74 4.91 -1.95 9.14
C SER B 74 5.96 -2.02 8.07
N ASN B 75 6.00 -3.14 7.37
CA ASN B 75 6.88 -3.28 6.25
C ASN B 75 6.30 -4.35 5.33
N HIS B 76 6.63 -4.29 4.04
CA HIS B 76 6.12 -5.24 3.11
C HIS B 76 6.89 -5.23 1.82
N ILE B 77 6.90 -6.39 1.18
CA ILE B 77 7.51 -6.55 -0.12
C ILE B 77 6.47 -7.19 -1.02
N ILE B 78 6.42 -6.71 -2.26
CA ILE B 78 5.69 -7.40 -3.30
C ILE B 78 6.67 -7.65 -4.44
N ALA B 79 6.89 -8.92 -4.73
CA ALA B 79 7.88 -9.37 -5.70
C ALA B 79 7.52 -8.96 -7.13
N ARG B 80 6.24 -9.08 -7.47
CA ARG B 80 5.78 -8.84 -8.83
C ARG B 80 4.46 -8.05 -8.85
N PRO B 81 4.53 -6.74 -8.53
CA PRO B 81 3.32 -5.91 -8.46
C PRO B 81 2.64 -5.67 -9.80
N HIS B 82 1.32 -5.78 -9.79
CA HIS B 82 0.50 -5.59 -10.97
C HIS B 82 0.83 -4.24 -11.62
N GLU B 83 0.76 -4.14 -12.93
CA GLU B 83 1.08 -2.90 -13.64
C GLU B 83 0.12 -1.76 -13.39
N ASN B 84 -1.06 -2.08 -12.87
CA ASN B 84 -2.12 -1.12 -12.59
C ASN B 84 -1.75 -0.32 -11.34
N LEU B 85 -0.84 -0.84 -10.53
CA LEU B 85 -0.49 -0.19 -9.27
C LEU B 85 0.42 1.00 -9.50
N GLU B 86 1.16 0.92 -10.58
CA GLU B 86 2.22 1.87 -10.87
C GLU B 86 1.75 3.32 -11.00
N TYR B 87 0.49 3.53 -11.37
CA TYR B 87 -0.02 4.88 -11.60
C TYR B 87 -1.23 5.25 -10.77
N VAL B 88 -1.63 4.37 -9.85
CA VAL B 88 -2.63 4.73 -8.86
C VAL B 88 -1.88 5.10 -7.59
N LEU B 89 -0.94 4.23 -7.24
CA LEU B 89 -0.19 4.37 -6.00
C LEU B 89 1.18 4.97 -6.25
N PRO B 90 1.63 5.83 -5.31
CA PRO B 90 2.91 6.51 -5.47
C PRO B 90 4.11 5.58 -5.26
N ILE B 91 4.11 4.44 -5.96
CA ILE B 91 5.13 3.40 -5.79
C ILE B 91 6.12 3.44 -6.94
N LEU B 92 6.12 4.58 -7.62
CA LEU B 92 6.91 4.76 -8.83
C LEU B 92 7.64 6.10 -8.81
S SO4 C . -30.14 -1.81 -5.55
O1 SO4 C . -29.44 -1.64 -4.29
O2 SO4 C . -31.46 -1.22 -5.45
O3 SO4 C . -29.39 -1.15 -6.60
O4 SO4 C . -30.29 -3.22 -5.85
#